data_8GPV
#
_entry.id   8GPV
#
_cell.length_a   81.063
_cell.length_b   81.063
_cell.length_c   104.565
_cell.angle_alpha   90.00
_cell.angle_beta   90.00
_cell.angle_gamma   90.00
#
_symmetry.space_group_name_H-M   'P 43 2 2'
#
loop_
_entity.id
_entity.type
_entity.pdbx_description
1 polymer 'Magnesium transporter MgtE'
2 non-polymer '4-(2-HYDROXYETHYL)-1-PIPERAZINE ETHANESULFONIC ACID'
3 non-polymer 'MAGNESIUM ION'
4 water water
#
_entity_poly.entity_id   1
_entity_poly.type   'polypeptide(L)'
_entity_poly.pdbx_seq_one_letter_code
;MLTDTQVKELISQRRWADIRRALVDEPPPHLADLLFSLETREMVLVFRCLPREVSSEVFALLGKGDRNALIEALTDEETR
HLLADLDPDDRTDLLQELPGEVTQRLLNLLSPADLKEARQLLGYPEDSVGRLMTPDYVAVRPGWTVAQALDHIRRRGTDS
ETINIIYVTDDRWKLLDALELGAFILADPDAAVRDIMKGSFVALSAFDDREEAVRVMQRYDLFVLPVVDSTGVLVGIVTA
DDILDVAQEEATEDF
;
_entity_poly.pdbx_strand_id   A
#
loop_
_chem_comp.id
_chem_comp.type
_chem_comp.name
_chem_comp.formula
EPE non-polymer '4-(2-HYDROXYETHYL)-1-PIPERAZINE ETHANESULFONIC ACID' 'C8 H18 N2 O4 S'
MG non-polymer 'MAGNESIUM ION' 'Mg 2'
#
# COMPACT_ATOMS: atom_id res chain seq x y z
N MET A 1 -22.54 12.61 1.08
CA MET A 1 -23.49 11.76 1.80
C MET A 1 -24.49 11.17 0.81
N LEU A 2 -23.98 10.59 -0.27
CA LEU A 2 -24.80 10.04 -1.33
C LEU A 2 -25.15 8.58 -1.06
N THR A 3 -26.43 8.26 -1.10
CA THR A 3 -26.94 6.97 -0.63
C THR A 3 -27.06 5.98 -1.78
N ASP A 4 -27.28 4.72 -1.40
CA ASP A 4 -27.55 3.67 -2.37
C ASP A 4 -28.78 4.01 -3.23
N THR A 5 -29.80 4.59 -2.59
CA THR A 5 -31.03 4.98 -3.27
C THR A 5 -30.79 6.06 -4.32
N GLN A 6 -30.02 7.09 -3.97
CA GLN A 6 -29.83 8.18 -4.93
C GLN A 6 -28.98 7.73 -6.11
N VAL A 7 -27.99 6.87 -5.87
CA VAL A 7 -27.18 6.41 -7.00
C VAL A 7 -28.01 5.52 -7.93
N LYS A 8 -28.80 4.61 -7.36
CA LYS A 8 -29.57 3.69 -8.19
C LYS A 8 -30.59 4.41 -9.06
N GLU A 9 -31.17 5.50 -8.54
CA GLU A 9 -32.04 6.33 -9.37
C GLU A 9 -31.25 7.02 -10.48
N LEU A 10 -30.09 7.59 -10.14
CA LEU A 10 -29.29 8.26 -11.16
C LEU A 10 -28.87 7.26 -12.24
N ILE A 11 -28.55 6.03 -11.84
CA ILE A 11 -28.21 5.00 -12.82
C ILE A 11 -29.41 4.72 -13.71
N SER A 12 -30.58 4.52 -13.09
CA SER A 12 -31.80 4.28 -13.86
C SER A 12 -32.10 5.44 -14.81
N GLN A 13 -31.78 6.67 -14.41
CA GLN A 13 -31.93 7.80 -15.30
C GLN A 13 -30.76 7.98 -16.27
N ARG A 14 -29.73 7.13 -16.18
CA ARG A 14 -28.51 7.27 -16.98
C ARG A 14 -27.88 8.65 -16.83
N ARG A 15 -27.92 9.18 -15.61
CA ARG A 15 -27.35 10.48 -15.32
C ARG A 15 -25.89 10.29 -14.88
N TRP A 16 -25.06 9.83 -15.82
CA TRP A 16 -23.68 9.44 -15.50
C TRP A 16 -22.84 10.61 -15.00
N ALA A 17 -23.00 11.79 -15.60
CA ALA A 17 -22.25 12.95 -15.11
C ALA A 17 -22.62 13.31 -13.67
N ASP A 18 -23.92 13.29 -13.36
CA ASP A 18 -24.35 13.56 -11.99
C ASP A 18 -23.74 12.55 -11.01
N ILE A 19 -23.63 11.29 -11.44
CA ILE A 19 -22.99 10.29 -10.57
C ILE A 19 -21.54 10.65 -10.32
N ARG A 20 -20.78 10.86 -11.40
CA ARG A 20 -19.36 11.19 -11.20
C ARG A 20 -19.20 12.45 -10.34
N ARG A 21 -20.07 13.45 -10.51
CA ARG A 21 -19.98 14.65 -9.66
C ARG A 21 -20.31 14.34 -8.21
N ALA A 22 -21.33 13.50 -7.98
CA ALA A 22 -21.69 13.13 -6.62
C ALA A 22 -20.61 12.32 -5.91
N LEU A 23 -19.75 11.61 -6.65
CA LEU A 23 -18.72 10.81 -6.01
C LEU A 23 -17.46 11.61 -5.68
N VAL A 24 -17.34 12.84 -6.17
CA VAL A 24 -16.13 13.63 -5.99
C VAL A 24 -15.88 13.89 -4.51
N ASP A 25 -14.65 13.61 -4.06
CA ASP A 25 -14.13 13.97 -2.75
C ASP A 25 -14.75 13.12 -1.64
N GLU A 26 -15.49 12.05 -1.98
CA GLU A 26 -15.98 11.14 -0.95
C GLU A 26 -14.81 10.29 -0.44
N PRO A 27 -14.61 10.19 0.88
CA PRO A 27 -13.55 9.34 1.42
C PRO A 27 -13.67 7.92 0.90
N PRO A 28 -12.55 7.28 0.59
CA PRO A 28 -12.58 5.93 0.05
C PRO A 28 -13.36 4.95 0.92
N PRO A 29 -13.24 4.99 2.25
CA PRO A 29 -14.08 4.09 3.06
C PRO A 29 -15.57 4.30 2.85
N HIS A 30 -15.98 5.55 2.63
CA HIS A 30 -17.39 5.81 2.40
C HIS A 30 -17.82 5.28 1.02
N LEU A 31 -16.94 5.42 0.01
CA LEU A 31 -17.24 4.82 -1.29
C LEU A 31 -17.29 3.31 -1.19
N ALA A 32 -16.40 2.70 -0.39
CA ALA A 32 -16.44 1.27 -0.21
C ALA A 32 -17.73 0.83 0.47
N ASP A 33 -18.25 1.65 1.38
CA ASP A 33 -19.51 1.29 2.02
C ASP A 33 -20.64 1.32 1.01
N LEU A 34 -20.70 2.36 0.19
CA LEU A 34 -21.72 2.47 -0.85
C LEU A 34 -21.64 1.30 -1.81
N LEU A 35 -20.44 0.96 -2.28
CA LEU A 35 -20.32 -0.15 -3.21
C LEU A 35 -20.77 -1.46 -2.59
N PHE A 36 -20.54 -1.65 -1.29
CA PHE A 36 -20.99 -2.87 -0.63
C PHE A 36 -22.52 -2.94 -0.58
N SER A 37 -23.17 -1.85 -0.22
CA SER A 37 -24.62 -1.80 -0.07
C SER A 37 -25.33 -1.92 -1.40
N LEU A 38 -24.62 -1.79 -2.51
CA LEU A 38 -25.23 -1.95 -3.82
C LEU A 38 -25.28 -3.42 -4.21
N GLU A 39 -26.05 -3.71 -5.25
CA GLU A 39 -25.99 -5.00 -5.91
C GLU A 39 -24.87 -5.00 -6.94
N THR A 40 -24.46 -6.21 -7.33
CA THR A 40 -23.23 -6.40 -8.10
C THR A 40 -23.20 -5.56 -9.36
N ARG A 41 -24.31 -5.55 -10.12
CA ARG A 41 -24.32 -4.85 -11.40
C ARG A 41 -24.05 -3.36 -11.23
N GLU A 42 -24.68 -2.75 -10.22
CA GLU A 42 -24.49 -1.33 -10.01
C GLU A 42 -23.16 -1.03 -9.34
N MET A 43 -22.73 -1.90 -8.43
CA MET A 43 -21.41 -1.72 -7.80
C MET A 43 -20.33 -1.67 -8.88
N VAL A 44 -20.37 -2.60 -9.82
CA VAL A 44 -19.41 -2.58 -10.93
C VAL A 44 -19.53 -1.29 -11.73
N LEU A 45 -20.75 -0.81 -11.93
CA LEU A 45 -20.93 0.39 -12.74
C LEU A 45 -20.41 1.63 -12.03
N VAL A 46 -20.73 1.77 -10.75
CA VAL A 46 -20.25 2.93 -10.00
C VAL A 46 -18.73 2.90 -9.86
N PHE A 47 -18.16 1.71 -9.68
CA PHE A 47 -16.70 1.61 -9.60
C PHE A 47 -16.04 2.16 -10.85
N ARG A 48 -16.60 1.84 -12.03
CA ARG A 48 -15.98 2.34 -13.25
C ARG A 48 -16.14 3.86 -13.40
N CYS A 49 -17.17 4.44 -12.78
CA CYS A 49 -17.33 5.90 -12.82
C CYS A 49 -16.25 6.64 -12.06
N LEU A 50 -15.59 5.98 -11.11
CA LEU A 50 -14.61 6.64 -10.27
C LEU A 50 -13.34 6.96 -11.06
N PRO A 51 -12.64 8.04 -10.72
CA PRO A 51 -11.29 8.25 -11.24
C PRO A 51 -10.40 7.10 -10.79
N ARG A 52 -9.46 6.71 -11.65
CA ARG A 52 -8.61 5.57 -11.31
C ARG A 52 -7.78 5.83 -10.05
N GLU A 53 -7.46 7.10 -9.77
CA GLU A 53 -6.71 7.41 -8.55
C GLU A 53 -7.53 7.12 -7.30
N VAL A 54 -8.86 7.21 -7.41
CA VAL A 54 -9.78 6.86 -6.33
C VAL A 54 -10.06 5.37 -6.31
N SER A 55 -10.37 4.79 -7.49
CA SER A 55 -10.88 3.43 -7.51
C SER A 55 -9.85 2.42 -7.01
N SER A 56 -8.55 2.70 -7.19
CA SER A 56 -7.50 1.85 -6.65
C SER A 56 -7.52 1.80 -5.13
N GLU A 57 -7.70 2.97 -4.50
CA GLU A 57 -7.86 3.00 -3.04
C GLU A 57 -9.10 2.26 -2.58
N VAL A 58 -10.22 2.47 -3.25
CA VAL A 58 -11.47 1.84 -2.83
C VAL A 58 -11.38 0.33 -2.94
N PHE A 59 -10.78 -0.16 -4.03
CA PHE A 59 -10.63 -1.59 -4.27
C PHE A 59 -9.96 -2.28 -3.10
N ALA A 60 -8.90 -1.68 -2.57
CA ALA A 60 -8.21 -2.25 -1.43
C ALA A 60 -9.09 -2.35 -0.19
N LEU A 61 -10.20 -1.62 -0.13
CA LEU A 61 -11.05 -1.60 1.05
C LEU A 61 -12.24 -2.55 0.95
N LEU A 62 -12.50 -3.11 -0.23
CA LEU A 62 -13.70 -3.90 -0.45
C LEU A 62 -13.56 -5.29 0.15
N GLY A 63 -14.72 -5.93 0.36
CA GLY A 63 -14.73 -7.31 0.80
C GLY A 63 -14.29 -8.26 -0.29
N LYS A 64 -13.98 -9.49 0.11
CA LYS A 64 -13.45 -10.48 -0.84
C LYS A 64 -14.47 -10.79 -1.93
N GLY A 65 -15.74 -10.97 -1.54
CA GLY A 65 -16.78 -11.22 -2.53
C GLY A 65 -16.91 -10.08 -3.54
N ASP A 66 -17.08 -8.86 -3.04
CA ASP A 66 -17.17 -7.71 -3.94
C ASP A 66 -15.90 -7.57 -4.76
N ARG A 67 -14.74 -7.76 -4.13
CA ARG A 67 -13.47 -7.68 -4.84
C ARG A 67 -13.41 -8.73 -5.96
N ASN A 68 -13.71 -9.98 -5.60
CA ASN A 68 -13.62 -11.07 -6.58
C ASN A 68 -14.63 -10.87 -7.70
N ALA A 69 -15.87 -10.53 -7.35
CA ALA A 69 -16.88 -10.22 -8.36
C ALA A 69 -16.41 -9.11 -9.28
N LEU A 70 -15.79 -8.09 -8.72
CA LEU A 70 -15.34 -6.97 -9.54
C LEU A 70 -14.23 -7.42 -10.47
N ILE A 71 -13.41 -8.39 -10.06
CA ILE A 71 -12.37 -8.88 -10.95
C ILE A 71 -12.99 -9.69 -12.08
N GLU A 72 -14.02 -10.48 -11.77
CA GLU A 72 -14.74 -11.23 -12.79
C GLU A 72 -15.39 -10.33 -13.83
N ALA A 73 -15.52 -9.02 -13.58
CA ALA A 73 -16.32 -8.11 -14.41
C ALA A 73 -15.53 -7.04 -15.15
N LEU A 74 -14.54 -6.38 -14.54
CA LEU A 74 -13.77 -5.39 -15.30
C LEU A 74 -13.09 -6.01 -16.50
N THR A 75 -12.83 -5.16 -17.48
CA THR A 75 -12.20 -5.56 -18.72
C THR A 75 -10.72 -5.80 -18.47
N ASP A 76 -10.01 -6.21 -19.53
CA ASP A 76 -8.57 -6.39 -19.42
C ASP A 76 -7.87 -5.06 -19.14
N GLU A 77 -8.22 -3.99 -19.87
CA GLU A 77 -7.55 -2.72 -19.63
C GLU A 77 -7.88 -2.18 -18.24
N GLU A 78 -9.15 -2.23 -17.84
CA GLU A 78 -9.52 -1.73 -16.51
C GLU A 78 -8.77 -2.48 -15.42
N THR A 79 -8.65 -3.81 -15.56
CA THR A 79 -7.87 -4.59 -14.61
C THR A 79 -6.40 -4.18 -14.63
N ARG A 80 -5.83 -4.08 -15.82
CA ARG A 80 -4.44 -3.63 -15.97
C ARG A 80 -4.21 -2.33 -15.20
N HIS A 81 -5.17 -1.41 -15.28
CA HIS A 81 -4.99 -0.10 -14.65
C HIS A 81 -5.11 -0.18 -13.14
N LEU A 82 -5.96 -1.07 -12.63
CA LEU A 82 -6.01 -1.27 -11.18
C LEU A 82 -4.71 -1.88 -10.66
N LEU A 83 -4.22 -2.93 -11.32
CA LEU A 83 -2.99 -3.58 -10.86
C LEU A 83 -1.80 -2.65 -10.87
N ALA A 84 -1.79 -1.68 -11.78
CA ALA A 84 -0.67 -0.74 -11.80
C ALA A 84 -0.70 0.21 -10.59
N ASP A 85 -1.89 0.70 -10.25
CA ASP A 85 -2.05 1.74 -9.25
C ASP A 85 -2.14 1.20 -7.82
N LEU A 86 -2.58 -0.06 -7.63
CA LEU A 86 -2.59 -0.66 -6.29
C LEU A 86 -1.22 -0.52 -5.64
N ASP A 87 -1.21 -0.21 -4.35
CA ASP A 87 0.06 -0.27 -3.63
C ASP A 87 0.58 -1.70 -3.68
N PRO A 88 1.91 -1.90 -3.77
CA PRO A 88 2.42 -3.27 -3.97
C PRO A 88 1.95 -4.29 -2.96
N ASP A 89 1.80 -3.93 -1.67
CA ASP A 89 1.31 -4.89 -0.69
C ASP A 89 -0.17 -5.19 -0.89
N ASP A 90 -0.94 -4.18 -1.30
CA ASP A 90 -2.34 -4.40 -1.61
C ASP A 90 -2.48 -5.28 -2.85
N ARG A 91 -1.60 -5.07 -3.83
CA ARG A 91 -1.57 -5.93 -5.01
C ARG A 91 -1.29 -7.38 -4.61
N THR A 92 -0.28 -7.59 -3.75
CA THR A 92 -0.01 -8.93 -3.20
C THR A 92 -1.24 -9.52 -2.50
N ASP A 93 -1.94 -8.74 -1.68
CA ASP A 93 -3.06 -9.28 -0.91
C ASP A 93 -4.13 -9.86 -1.83
N LEU A 94 -4.33 -9.24 -2.97
CA LEU A 94 -5.31 -9.74 -3.93
C LEU A 94 -4.84 -11.05 -4.56
N LEU A 95 -3.57 -11.11 -4.95
CA LEU A 95 -3.06 -12.28 -5.66
C LEU A 95 -2.98 -13.50 -4.74
N GLN A 96 -2.68 -13.33 -3.47
CA GLN A 96 -2.66 -14.49 -2.58
C GLN A 96 -4.06 -15.03 -2.27
N GLU A 97 -5.12 -14.23 -2.45
CA GLU A 97 -6.46 -14.68 -2.11
C GLU A 97 -7.24 -15.23 -3.30
N LEU A 98 -6.81 -14.95 -4.52
CA LEU A 98 -7.55 -15.35 -5.70
C LEU A 98 -7.14 -16.75 -6.15
N PRO A 99 -8.00 -17.43 -6.92
CA PRO A 99 -7.63 -18.75 -7.45
C PRO A 99 -6.52 -18.64 -8.50
N GLY A 100 -5.78 -19.74 -8.64
CA GLY A 100 -4.57 -19.81 -9.44
C GLY A 100 -4.61 -19.25 -10.84
N GLU A 101 -5.53 -19.74 -11.69
CA GLU A 101 -5.59 -19.27 -13.06
C GLU A 101 -5.97 -17.79 -13.12
N VAL A 102 -6.73 -17.32 -12.14
CA VAL A 102 -7.10 -15.91 -12.10
C VAL A 102 -5.89 -15.06 -11.73
N THR A 103 -5.18 -15.44 -10.65
CA THR A 103 -3.93 -14.77 -10.34
C THR A 103 -2.95 -14.81 -11.52
N GLN A 104 -3.02 -15.87 -12.34
CA GLN A 104 -2.07 -16.04 -13.42
C GLN A 104 -2.37 -15.12 -14.60
N ARG A 105 -3.64 -14.94 -14.95
CA ARG A 105 -3.95 -13.97 -16.00
C ARG A 105 -3.73 -12.56 -15.50
N LEU A 106 -4.05 -12.32 -14.23
CA LEU A 106 -3.71 -11.03 -13.62
C LEU A 106 -2.22 -10.74 -13.80
N LEU A 107 -1.36 -11.68 -13.38
CA LEU A 107 0.08 -11.51 -13.54
C LEU A 107 0.46 -11.14 -14.97
N ASN A 108 -0.21 -11.74 -15.95
CA ASN A 108 0.12 -11.42 -17.34
C ASN A 108 -0.31 -10.02 -17.74
N LEU A 109 -1.19 -9.39 -16.97
CA LEU A 109 -1.59 -8.00 -17.22
C LEU A 109 -0.62 -6.99 -16.64
N LEU A 110 0.46 -7.43 -15.98
CA LEU A 110 1.43 -6.50 -15.39
C LEU A 110 2.54 -6.14 -16.36
N SER A 111 3.08 -4.93 -16.19
CA SER A 111 4.26 -4.51 -16.93
C SER A 111 5.49 -5.25 -16.42
N PRO A 112 6.61 -5.22 -17.18
CA PRO A 112 7.74 -6.09 -16.80
C PRO A 112 8.26 -5.80 -15.41
N ALA A 113 8.50 -4.53 -15.10
CA ALA A 113 9.00 -4.17 -13.78
C ALA A 113 7.97 -4.47 -12.70
N ASP A 114 6.69 -4.28 -12.99
CA ASP A 114 5.66 -4.62 -12.01
C ASP A 114 5.51 -6.12 -11.86
N LEU A 115 5.74 -6.87 -12.94
CA LEU A 115 5.75 -8.32 -12.81
C LEU A 115 6.90 -8.77 -11.92
N LYS A 116 8.08 -8.21 -12.13
CA LYS A 116 9.23 -8.60 -11.30
C LYS A 116 8.98 -8.25 -9.85
N GLU A 117 8.36 -7.10 -9.60
CA GLU A 117 8.01 -6.71 -8.23
C GLU A 117 7.01 -7.68 -7.63
N ALA A 118 5.92 -7.92 -8.35
CA ALA A 118 4.87 -8.78 -7.81
C ALA A 118 5.35 -10.20 -7.63
N ARG A 119 6.12 -10.70 -8.61
CA ARG A 119 6.71 -12.03 -8.47
C ARG A 119 7.54 -12.12 -7.21
N GLN A 120 8.39 -11.13 -6.97
CA GLN A 120 9.24 -11.18 -5.78
C GLN A 120 8.40 -11.21 -4.51
N LEU A 121 7.41 -10.33 -4.40
CA LEU A 121 6.63 -10.24 -3.17
C LEU A 121 5.77 -11.48 -2.92
N LEU A 122 5.19 -12.07 -3.98
CA LEU A 122 4.48 -13.32 -3.74
C LEU A 122 5.44 -14.46 -3.41
N GLY A 123 6.72 -14.30 -3.73
CA GLY A 123 7.72 -15.34 -3.50
C GLY A 123 8.14 -15.54 -2.07
N TYR A 124 7.88 -14.57 -1.19
CA TYR A 124 8.03 -14.81 0.23
C TYR A 124 6.94 -15.76 0.71
N PRO A 125 7.17 -16.48 1.81
CA PRO A 125 6.16 -17.43 2.27
C PRO A 125 4.85 -16.73 2.57
N GLU A 126 3.75 -17.48 2.50
CA GLU A 126 2.51 -16.95 3.01
C GLU A 126 2.66 -16.69 4.51
N ASP A 127 1.89 -15.73 5.01
CA ASP A 127 1.97 -15.32 6.41
C ASP A 127 3.33 -14.76 6.79
N SER A 128 4.17 -14.41 5.82
CA SER A 128 5.47 -13.78 6.09
C SER A 128 5.36 -12.26 6.03
N VAL A 129 6.38 -11.62 6.61
CA VAL A 129 6.49 -10.16 6.56
C VAL A 129 6.77 -9.70 5.15
N GLY A 130 7.61 -10.44 4.42
CA GLY A 130 7.86 -10.10 3.03
C GLY A 130 6.57 -9.97 2.25
N ARG A 131 5.58 -10.77 2.56
CA ARG A 131 4.36 -10.69 1.79
C ARG A 131 3.45 -9.56 2.30
N LEU A 132 3.69 -9.05 3.53
CA LEU A 132 3.00 -7.87 4.03
C LEU A 132 3.62 -6.56 3.55
N MET A 133 4.86 -6.58 3.09
CA MET A 133 5.64 -5.34 2.93
C MET A 133 5.44 -4.67 1.58
N THR A 134 5.73 -3.36 1.56
CA THR A 134 5.76 -2.58 0.34
C THR A 134 7.15 -1.99 0.14
N PRO A 135 7.65 -1.99 -1.10
CA PRO A 135 8.94 -1.37 -1.40
C PRO A 135 8.88 0.14 -1.59
N ASP A 136 7.72 0.77 -1.41
CA ASP A 136 7.61 2.20 -1.70
C ASP A 136 7.94 3.05 -0.46
N TYR A 137 9.16 2.88 0.03
CA TYR A 137 9.67 3.71 1.10
C TYR A 137 10.49 4.83 0.50
N VAL A 138 10.93 5.75 1.36
CA VAL A 138 11.80 6.85 0.94
C VAL A 138 13.12 6.71 1.68
N ALA A 139 14.22 6.71 0.94
CA ALA A 139 15.54 6.52 1.53
C ALA A 139 16.47 7.64 1.06
N VAL A 140 17.45 7.95 1.91
CA VAL A 140 18.46 8.98 1.67
C VAL A 140 19.84 8.40 1.94
N ARG A 141 20.91 9.13 1.45
CA ARG A 141 22.27 8.69 1.71
C ARG A 141 22.81 9.40 2.93
N PRO A 142 23.71 8.78 3.70
CA PRO A 142 24.26 9.46 4.88
C PRO A 142 25.08 10.68 4.52
N GLY A 143 25.65 10.73 3.32
CA GLY A 143 26.47 11.86 2.92
C GLY A 143 25.70 13.05 2.37
N TRP A 144 24.41 12.92 2.15
CA TRP A 144 23.60 14.05 1.69
C TRP A 144 23.43 15.07 2.80
N THR A 145 23.27 16.33 2.41
CA THR A 145 22.87 17.32 3.38
C THR A 145 21.37 17.25 3.63
N VAL A 146 20.96 17.85 4.74
CA VAL A 146 19.56 17.82 5.14
C VAL A 146 18.70 18.54 4.11
N ALA A 147 19.23 19.62 3.52
CA ALA A 147 18.51 20.29 2.45
C ALA A 147 18.34 19.38 1.23
N GLN A 148 19.39 18.62 0.89
CA GLN A 148 19.30 17.69 -0.24
C GLN A 148 18.33 16.55 0.07
N ALA A 149 18.42 15.98 1.29
CA ALA A 149 17.43 14.99 1.71
C ALA A 149 16.02 15.54 1.60
N LEU A 150 15.82 16.80 2.00
CA LEU A 150 14.49 17.37 1.96
C LEU A 150 13.99 17.57 0.54
N ASP A 151 14.89 17.84 -0.41
CA ASP A 151 14.43 17.93 -1.79
C ASP A 151 14.07 16.56 -2.33
N HIS A 152 14.78 15.51 -1.88
CA HIS A 152 14.46 14.16 -2.31
C HIS A 152 13.11 13.70 -1.74
N ILE A 153 12.86 14.03 -0.46
CA ILE A 153 11.57 13.70 0.15
C ILE A 153 10.44 14.42 -0.57
N ARG A 154 10.68 15.66 -1.02
CA ARG A 154 9.61 16.41 -1.66
C ARG A 154 9.31 15.87 -3.05
N ARG A 155 10.35 15.43 -3.76
CA ARG A 155 10.17 14.89 -5.10
C ARG A 155 9.43 13.56 -5.08
N ARG A 156 9.57 12.80 -4.00
CA ARG A 156 9.26 11.38 -3.98
C ARG A 156 8.12 11.08 -3.01
N GLY A 157 7.58 12.12 -2.38
CA GLY A 157 6.71 11.95 -1.22
C GLY A 157 5.39 11.26 -1.51
N THR A 158 4.56 11.86 -2.38
CA THR A 158 3.21 11.35 -2.61
C THR A 158 3.21 10.04 -3.39
N ASP A 159 4.31 9.71 -4.05
CA ASP A 159 4.43 8.46 -4.78
C ASP A 159 4.81 7.30 -3.86
N SER A 160 4.92 7.55 -2.55
CA SER A 160 5.47 6.61 -1.60
C SER A 160 4.47 6.33 -0.48
N GLU A 161 4.69 5.20 0.22
CA GLU A 161 3.72 4.76 1.21
C GLU A 161 3.61 5.74 2.37
N THR A 162 4.75 6.22 2.85
CA THR A 162 4.77 7.19 3.94
C THR A 162 6.10 7.90 3.90
N ILE A 163 6.11 9.15 4.39
CA ILE A 163 7.36 9.87 4.60
C ILE A 163 7.58 10.17 6.06
N ASN A 164 6.80 9.55 6.94
CA ASN A 164 6.92 9.89 8.36
C ASN A 164 8.19 9.30 9.00
N ILE A 165 8.72 8.21 8.46
CA ILE A 165 10.07 7.76 8.75
C ILE A 165 10.81 7.69 7.42
N ILE A 166 12.05 8.20 7.43
CA ILE A 166 12.94 8.21 6.27
C ILE A 166 14.12 7.30 6.57
N TYR A 167 14.41 6.38 5.66
CA TYR A 167 15.48 5.42 5.91
C TYR A 167 16.79 5.91 5.29
N VAL A 168 17.90 5.59 5.96
CA VAL A 168 19.23 5.93 5.48
C VAL A 168 19.88 4.63 5.01
N THR A 169 20.37 4.61 3.79
CA THR A 169 21.05 3.45 3.24
C THR A 169 22.40 3.86 2.67
N ASP A 170 23.35 2.93 2.65
CA ASP A 170 24.64 3.23 2.03
C ASP A 170 24.56 2.96 0.53
N ASP A 171 25.74 2.92 -0.12
CA ASP A 171 25.81 2.76 -1.58
C ASP A 171 25.24 1.42 -2.01
N ARG A 172 25.50 0.38 -1.23
CA ARG A 172 24.96 -0.95 -1.48
C ARG A 172 23.60 -1.14 -0.85
N TRP A 173 22.92 -0.03 -0.55
CA TRP A 173 21.53 0.00 -0.12
C TRP A 173 21.32 -0.73 1.20
N LYS A 174 22.37 -0.86 2.00
CA LYS A 174 22.20 -1.48 3.30
C LYS A 174 21.71 -0.45 4.30
N LEU A 175 20.81 -0.89 5.18
CA LEU A 175 20.15 0.01 6.12
C LEU A 175 21.11 0.48 7.21
N LEU A 176 21.22 1.81 7.32
CA LEU A 176 22.07 2.48 8.32
C LEU A 176 21.30 3.13 9.46
N ASP A 177 20.08 3.61 9.20
CA ASP A 177 19.33 4.27 10.26
C ASP A 177 17.89 4.45 9.82
N ALA A 178 17.07 4.90 10.76
CA ALA A 178 15.67 5.21 10.54
C ALA A 178 15.37 6.52 11.26
N LEU A 179 15.04 7.56 10.50
CA LEU A 179 14.89 8.90 11.05
C LEU A 179 13.46 9.40 10.90
N GLU A 180 12.98 10.08 11.95
CA GLU A 180 11.69 10.73 11.86
C GLU A 180 11.76 11.89 10.88
N LEU A 181 10.66 12.13 10.18
CA LEU A 181 10.61 13.29 9.29
C LEU A 181 10.91 14.58 10.05
N GLY A 182 10.40 14.69 11.29
CA GLY A 182 10.64 15.87 12.09
C GLY A 182 12.11 16.21 12.27
N ALA A 183 12.96 15.20 12.38
CA ALA A 183 14.39 15.45 12.55
C ALA A 183 14.95 16.29 11.41
N PHE A 184 14.44 16.09 10.19
CA PHE A 184 14.94 16.87 9.05
C PHE A 184 14.47 18.32 9.08
N ILE A 185 13.30 18.61 9.63
CA ILE A 185 12.85 20.00 9.68
C ILE A 185 13.32 20.73 10.94
N LEU A 186 13.73 19.99 11.97
CA LEU A 186 14.39 20.63 13.10
C LEU A 186 15.86 20.90 12.83
N ALA A 187 16.48 20.16 11.91
CA ALA A 187 17.93 20.20 11.75
C ALA A 187 18.36 21.38 10.89
N ASP A 188 19.65 21.69 10.97
CA ASP A 188 20.22 22.74 10.14
C ASP A 188 20.32 22.25 8.70
N PRO A 189 19.83 23.00 7.71
CA PRO A 189 19.78 22.47 6.34
C PRO A 189 21.14 22.14 5.78
N ASP A 190 22.19 22.73 6.33
CA ASP A 190 23.54 22.52 5.84
C ASP A 190 24.23 21.34 6.52
N ALA A 191 23.64 20.77 7.56
CA ALA A 191 24.20 19.58 8.18
C ALA A 191 24.06 18.39 7.24
N ALA A 192 25.01 17.47 7.33
CA ALA A 192 24.88 16.19 6.65
C ALA A 192 23.84 15.33 7.36
N VAL A 193 23.26 14.39 6.62
CA VAL A 193 22.34 13.43 7.23
C VAL A 193 23.05 12.66 8.33
N ARG A 194 24.33 12.37 8.13
CA ARG A 194 25.08 11.64 9.15
C ARG A 194 25.12 12.41 10.47
N ASP A 195 24.92 13.73 10.45
CA ASP A 195 24.91 14.53 11.68
C ASP A 195 23.69 14.26 12.54
N ILE A 196 22.58 13.81 11.95
CA ILE A 196 21.35 13.56 12.70
C ILE A 196 21.07 12.06 12.87
N MET A 197 21.98 11.19 12.46
CA MET A 197 21.81 9.77 12.76
C MET A 197 22.24 9.42 14.17
N LYS A 198 21.56 8.42 14.73
CA LYS A 198 22.01 7.72 15.92
C LYS A 198 22.58 6.35 15.62
N GLY A 199 22.39 5.85 14.41
CA GLY A 199 22.97 4.58 14.00
C GLY A 199 22.37 3.34 14.64
N SER A 200 21.24 3.46 15.33
CA SER A 200 20.55 2.31 15.88
C SER A 200 19.13 2.30 15.35
N PHE A 201 18.60 1.10 15.11
CA PHE A 201 17.29 0.98 14.50
C PHE A 201 16.77 -0.43 14.75
N VAL A 202 15.47 -0.57 14.64
CA VAL A 202 14.83 -1.88 14.66
C VAL A 202 14.48 -2.25 13.22
N ALA A 203 14.69 -3.51 12.87
CA ALA A 203 14.26 -3.96 11.55
C ALA A 203 13.75 -5.39 11.65
N LEU A 204 12.84 -5.71 10.75
CA LEU A 204 12.30 -7.06 10.63
C LEU A 204 13.05 -7.81 9.53
N SER A 205 12.90 -9.13 9.55
CA SER A 205 13.29 -9.93 8.41
C SER A 205 12.08 -10.16 7.52
N ALA A 206 12.33 -10.27 6.22
CA ALA A 206 11.23 -10.63 5.33
C ALA A 206 10.69 -12.02 5.63
N PHE A 207 11.49 -12.89 6.24
CA PHE A 207 11.08 -14.26 6.51
C PHE A 207 10.50 -14.42 7.92
N ASP A 208 10.44 -13.34 8.69
CA ASP A 208 9.66 -13.28 9.92
C ASP A 208 8.20 -13.61 9.65
N ASP A 209 7.52 -14.13 10.67
CA ASP A 209 6.08 -14.34 10.59
C ASP A 209 5.34 -13.02 10.77
N ARG A 210 4.18 -12.91 10.11
CA ARG A 210 3.37 -11.69 10.21
C ARG A 210 3.12 -11.30 11.66
N GLU A 211 2.98 -12.28 12.55
CA GLU A 211 2.73 -11.98 13.96
C GLU A 211 3.95 -11.39 14.64
N GLU A 212 5.15 -11.64 14.11
CA GLU A 212 6.34 -11.00 14.67
C GLU A 212 6.32 -9.51 14.39
N ALA A 213 5.85 -9.12 13.19
CA ALA A 213 5.62 -7.70 12.89
C ALA A 213 4.73 -7.06 13.95
N VAL A 214 3.65 -7.77 14.34
CA VAL A 214 2.80 -7.25 15.41
C VAL A 214 3.59 -7.14 16.73
N ARG A 215 4.31 -8.20 17.09
CA ARG A 215 5.03 -8.14 18.38
C ARG A 215 6.07 -7.04 18.38
N VAL A 216 6.82 -6.89 17.27
CA VAL A 216 7.88 -5.89 17.24
C VAL A 216 7.29 -4.48 17.22
N MET A 217 6.21 -4.29 16.46
CA MET A 217 5.57 -2.97 16.43
C MET A 217 5.00 -2.57 17.79
N GLN A 218 4.38 -3.51 18.52
CA GLN A 218 3.95 -3.19 19.89
C GLN A 218 5.12 -2.88 20.80
N ARG A 219 6.22 -3.61 20.64
CA ARG A 219 7.34 -3.47 21.56
C ARG A 219 7.98 -2.08 21.47
N TYR A 220 8.19 -1.57 20.26
CA TYR A 220 8.92 -0.33 20.06
C TYR A 220 8.03 0.86 19.76
N ASP A 221 6.71 0.67 19.69
CA ASP A 221 5.74 1.74 19.51
C ASP A 221 6.08 2.63 18.32
N LEU A 222 6.28 1.99 17.17
CA LEU A 222 6.58 2.67 15.92
C LEU A 222 5.41 2.49 14.98
N PHE A 223 5.23 3.43 14.05
CA PHE A 223 4.15 3.30 13.06
C PHE A 223 4.61 2.67 11.75
N VAL A 224 5.92 2.54 11.54
CA VAL A 224 6.46 1.89 10.33
C VAL A 224 7.70 1.11 10.75
N LEU A 225 7.91 -0.04 10.11
CA LEU A 225 9.09 -0.84 10.40
C LEU A 225 9.77 -1.19 9.08
N PRO A 226 11.09 -1.09 9.03
CA PRO A 226 11.80 -1.51 7.83
C PRO A 226 12.02 -3.01 7.85
N VAL A 227 12.16 -3.56 6.65
CA VAL A 227 12.40 -4.98 6.43
C VAL A 227 13.72 -5.14 5.70
N VAL A 228 14.59 -5.99 6.21
CA VAL A 228 15.90 -6.17 5.61
C VAL A 228 16.10 -7.64 5.28
N ASP A 229 16.96 -7.88 4.31
CA ASP A 229 17.34 -9.23 3.90
C ASP A 229 18.53 -9.67 4.74
N SER A 230 19.05 -10.87 4.47
CA SER A 230 20.08 -11.46 5.33
C SER A 230 21.35 -10.65 5.35
N THR A 231 21.64 -9.89 4.29
CA THR A 231 22.85 -9.07 4.25
C THR A 231 22.63 -7.67 4.80
N GLY A 232 21.40 -7.36 5.25
CA GLY A 232 21.09 -6.05 5.77
C GLY A 232 20.55 -5.05 4.77
N VAL A 233 20.24 -5.48 3.53
CA VAL A 233 19.73 -4.59 2.50
C VAL A 233 18.27 -4.30 2.78
N LEU A 234 17.89 -3.03 2.69
CA LEU A 234 16.50 -2.64 2.88
C LEU A 234 15.68 -3.12 1.70
N VAL A 235 14.62 -3.89 1.97
CA VAL A 235 13.78 -4.43 0.90
C VAL A 235 12.36 -3.91 0.93
N GLY A 236 11.92 -3.31 2.02
CA GLY A 236 10.56 -2.80 2.07
C GLY A 236 10.23 -2.32 3.46
N ILE A 237 8.95 -1.95 3.62
CA ILE A 237 8.45 -1.49 4.91
C ILE A 237 7.06 -2.08 5.16
N VAL A 238 6.70 -2.12 6.44
CA VAL A 238 5.36 -2.47 6.89
C VAL A 238 4.83 -1.34 7.75
N THR A 239 3.52 -1.07 7.65
CA THR A 239 2.95 0.08 8.32
C THR A 239 1.86 -0.37 9.30
N ALA A 240 1.59 0.50 10.27
CA ALA A 240 0.73 0.15 11.41
C ALA A 240 -0.69 -0.15 10.99
N ASP A 241 -1.19 0.49 9.94
CA ASP A 241 -2.54 0.17 9.49
C ASP A 241 -2.66 -1.29 9.07
N ASP A 242 -1.67 -1.81 8.34
CA ASP A 242 -1.71 -3.22 7.94
C ASP A 242 -1.43 -4.15 9.12
N ILE A 243 -0.62 -3.71 10.07
CA ILE A 243 -0.29 -4.54 11.23
C ILE A 243 -1.50 -4.65 12.15
N LEU A 244 -2.29 -3.59 12.27
CA LEU A 244 -3.51 -3.70 13.07
C LEU A 244 -4.46 -4.74 12.48
N ASP A 245 -4.52 -4.80 11.14
CA ASP A 245 -5.32 -5.83 10.47
C ASP A 245 -4.79 -7.22 10.76
N VAL A 246 -3.46 -7.38 10.77
CA VAL A 246 -2.89 -8.68 11.10
C VAL A 246 -3.27 -9.07 12.52
N ALA A 247 -3.18 -8.10 13.45
CA ALA A 247 -3.47 -8.40 14.85
C ALA A 247 -4.85 -8.99 15.02
N GLN A 248 -5.83 -8.53 14.24
CA GLN A 248 -7.16 -9.09 14.43
C GLN A 248 -7.54 -10.14 13.40
N GLU A 249 -6.75 -10.33 12.33
CA GLU A 249 -6.88 -11.61 11.64
C GLU A 249 -6.36 -12.73 12.53
N GLU A 250 -5.23 -12.50 13.19
CA GLU A 250 -4.64 -13.52 14.05
C GLU A 250 -5.44 -13.72 15.33
N ALA A 251 -6.07 -12.66 15.84
CA ALA A 251 -6.87 -12.78 17.06
C ALA A 251 -8.09 -13.65 16.85
N THR A 252 -8.85 -13.39 15.79
CA THR A 252 -10.06 -14.17 15.56
C THR A 252 -9.73 -15.61 15.21
N GLU A 253 -8.63 -15.82 14.47
CA GLU A 253 -8.20 -17.17 14.16
C GLU A 253 -7.92 -17.96 15.42
N ASP A 254 -7.52 -17.29 16.51
CA ASP A 254 -7.37 -17.96 17.79
C ASP A 254 -8.73 -18.37 18.36
N PHE A 255 -9.78 -17.59 18.08
CA PHE A 255 -11.13 -17.88 18.57
C PHE A 255 -11.84 -18.88 17.66
N1 EPE B . -20.72 4.35 -17.35
C2 EPE B . -20.27 5.34 -18.34
C3 EPE B . -21.44 5.85 -19.17
N4 EPE B . -22.00 4.71 -19.86
C5 EPE B . -22.46 3.62 -19.02
C6 EPE B . -21.43 3.22 -17.96
C7 EPE B . -22.52 4.89 -21.19
C8 EPE B . -21.64 5.82 -22.03
O8 EPE B . -20.77 5.04 -22.84
C9 EPE B . -19.52 3.78 -16.70
C10 EPE B . -18.46 4.84 -16.45
S EPE B . -17.03 4.56 -17.55
O3S EPE B . -15.91 5.40 -17.14
MG MG C . 5.61 1.17 -8.11
MG MG D . 0.33 -18.16 11.18
MG MG E . 3.63 -0.84 22.61
MG MG F . -0.13 -1.05 3.18
MG MG G . -2.74 -18.36 16.42
MG MG H . -2.56 0.81 0.68
#